data_486D
#
_entry.id   486D
#
_cell.length_a   508.020
_cell.length_b   508.020
_cell.length_c   802.790
_cell.angle_alpha   90.00
_cell.angle_beta   90.00
_cell.angle_gamma   90.00
#
_symmetry.space_group_name_H-M   'I 4 2 2'
#
loop_
_entity.id
_entity.type
_entity.pdbx_description
1 polymer 'P-SITE TRNA OF 70S RIBOSOME'
2 polymer 'P-SITE CODON OF 70S RIBOSOME'
3 polymer 'A-SITE TRNA OF 70S RIBOSOME'
4 polymer 'A-SITE CODON OF 70S RIBOSOME'
5 polymer 'E-SITE TRNA OF 70S RIBOSOME'
6 polymer 'PENULTIMATE STEM OF 16S RRNA IN THE 70S RIBOSOME'
7 polymer '900 STEM-LOOP OF 16S RRNA IN THE 70S RIBOSOME'
8 non-polymer 'IRIDIUM ION'
#
loop_
_entity_poly.entity_id
_entity_poly.type
_entity_poly.pdbx_seq_one_letter_code
_entity_poly.pdbx_strand_id
1 'polyribonucleotide'
;UCCGUGAUAGUU(PSU)AA(H2U)GG(H2U)CAGAAU(M2G)CCAGA(OMC)UGAA(YYG)AU(5MC)UGGAGAU(5MC)
GGGG(5MU)(PSU)CAAUUCCCCGUCGCGGAGCC
;
A
2 'polyribonucleotide' UUU B
3 'polyribonucleotide'
;GCGGAUUUA(2MG)CUCAG(H2U)(H2U)GGGAGAGC(M2G)CCCGC(PSU)UGUC(1MG)CGUGGGAG(7MG)UC
(5MC)UGUG(5MU)(PSU)CG(1MA)UCCACAGAAUUCGC
;
C
4 'polyribonucleotide' GUC D
5 'polyribonucleotide'
;UCCGUGAUAGUU(PSU)AA(H2U)GG(H2U)CAGAAUGGGCGC(PSU)UGUC(1MG)CGUGCCAGAU(5MC)GGGG
(5MU)(PSU)CAAUUCCCCGUCGCGGAG
;
E
6 'polyribonucleotide'
;CGUCACACCAUGGAAGGGGGUUGCAAAGAAAGGGUGGCCCCCUUCGGGGCGCCUAACUUUGUGAUUCCUAACUGGGGUGA
AGUCG
;
F
7 'polyribonucleotide' CUGGGGAGUACGGCCGCAAGGCUGAAACUCAAA G
#
loop_
_chem_comp.id
_chem_comp.type
_chem_comp.name
_chem_comp.formula
1MA RNA linking 6-HYDRO-1-METHYLADENOSINE-5'-MONOPHOSPHATE 'C11 H16 N5 O7 P'
1MG RNA linking 1N-METHYLGUANOSINE-5'-MONOPHOSPHATE 'C11 H16 N5 O8 P'
2MG RNA linking 2N-METHYLGUANOSINE-5'-MONOPHOSPHATE 'C11 H16 N5 O8 P'
5MC RNA linking 5-METHYLCYTIDINE-5'-MONOPHOSPHATE 'C10 H16 N3 O8 P'
5MU RNA linking '5-METHYLURIDINE 5'-MONOPHOSPHATE' 'C10 H15 N2 O9 P'
7MG RNA linking 7N-METHYL-8-HYDROGUANOSINE-5'-MONOPHOSPHATE 'C11 H18 N5 O8 P'
A RNA linking ADENOSINE-5'-MONOPHOSPHATE 'C10 H14 N5 O7 P'
C RNA linking CYTIDINE-5'-MONOPHOSPHATE 'C9 H14 N3 O8 P'
G RNA linking GUANOSINE-5'-MONOPHOSPHATE 'C10 H14 N5 O8 P'
H2U RNA linking 5,6-DIHYDROURIDINE-5'-MONOPHOSPHATE 'C9 H15 N2 O9 P'
IR non-polymer 'IRIDIUM ION' 'Ir 4'
M2G RNA linking N2-DIMETHYLGUANOSINE-5'-MONOPHOSPHATE 'C12 H18 N5 O8 P'
OMC RNA linking O2'-METHYLYCYTIDINE-5'-MONOPHOSPHATE 'C10 H16 N3 O8 P'
PSU RNA linking PSEUDOURIDINE-5'-MONOPHOSPHATE 'C9 H13 N2 O9 P'
U RNA linking URIDINE-5'-MONOPHOSPHATE 'C9 H13 N2 O9 P'
YYG RNA linking '4-(3-[5-O-PHOSPHONORIBOFURANOSYL]-4,6-DIMETHYL-8-OXO-4,8-DIHYDRO-3H-1,3,4,5,7A-PENTAAZA-S-INDACEN-YLAMINO-BUTYRIC ACID METHYL ESTER' 'C21 H29 N6 O12 P'
#
# COMPACT_ATOMS: atom_id res chain seq x y z
N1 PSU A 13 7.09 -2.21 -3.76
C2 PSU A 13 5.82 -2.01 -4.21
N3 PSU A 13 5.09 -3.16 -4.37
C4 PSU A 13 5.52 -4.45 -4.13
C5 PSU A 13 6.89 -4.57 -3.66
C6 PSU A 13 7.60 -3.45 -3.49
O2 PSU A 13 5.36 -0.89 -4.44
O4 PSU A 13 4.81 -5.43 -4.30
C1' PSU A 13 7.40 -5.95 -3.38
C2' PSU A 13 7.10 -6.91 -4.53
O2' PSU A 13 6.81 -8.20 -4.05
C3' PSU A 13 8.43 -6.95 -5.25
C4' PSU A 13 9.43 -6.86 -4.09
O3' PSU A 13 8.63 -8.13 -6.04
O4' PSU A 13 8.81 -5.97 -3.16
C5' PSU A 13 10.80 -6.36 -4.49
O5' PSU A 13 11.66 -6.51 -3.30
P PSU A 13 12.56 -5.23 -3.05
OP1 PSU A 13 13.87 -5.26 -3.76
OP2 PSU A 13 11.82 -3.96 -3.32
P H2U A 16 3.04 -8.12 -17.67
OP1 H2U A 16 3.31 -9.58 -17.82
OP2 H2U A 16 4.14 -7.40 -16.98
O5' H2U A 16 2.55 -7.43 -19.04
C5' H2U A 16 3.51 -6.83 -19.91
C4' H2U A 16 2.93 -6.87 -21.32
O4' H2U A 16 2.23 -8.11 -21.50
C3' H2U A 16 1.91 -5.76 -21.60
O3' H2U A 16 2.01 -5.31 -22.97
C1' H2U A 16 0.86 -7.85 -21.88
C2' H2U A 16 0.57 -6.47 -21.36
O2' H2U A 16 -0.43 -5.76 -22.04
N1 H2U A 16 0.03 -8.88 -21.29
C2 H2U A 16 -1.31 -8.78 -21.30
O2 H2U A 16 -1.95 -7.81 -21.66
N3 H2U A 16 -2.01 -9.86 -20.79
C4 H2U A 16 -1.48 -11.03 -20.33
O4 H2U A 16 -2.20 -11.93 -19.90
C5 H2U A 16 0.00 -11.14 -20.42
C6 H2U A 16 0.64 -9.76 -20.28
P H2U A 19 -10.37 -4.42 -17.12
OP1 H2U A 19 -9.92 -5.27 -15.97
OP2 H2U A 19 -10.29 -5.16 -18.41
O5' H2U A 19 -11.79 -3.76 -16.79
C5' H2U A 19 -12.12 -3.53 -15.39
C4' H2U A 19 -13.03 -2.33 -15.32
O4' H2U A 19 -14.24 -2.72 -14.68
C3' H2U A 19 -12.47 -1.16 -14.50
O3' H2U A 19 -12.85 0.11 -15.08
C1' H2U A 19 -14.49 -1.90 -13.52
C2' H2U A 19 -13.14 -1.38 -13.14
O2' H2U A 19 -13.16 -0.17 -12.42
N1 H2U A 19 -15.16 -2.76 -12.55
C2 H2U A 19 -14.55 -3.02 -11.37
O2 H2U A 19 -13.57 -2.45 -10.91
N3 H2U A 19 -15.19 -3.95 -10.54
C4 H2U A 19 -16.28 -4.68 -10.85
O4 H2U A 19 -16.75 -5.47 -10.03
C5 H2U A 19 -16.85 -4.48 -12.20
C6 H2U A 19 -15.86 -3.92 -13.17
P M2G A 26 0.17 -3.21 10.24
OP1 M2G A 26 0.64 -3.49 11.63
OP2 M2G A 26 -1.16 -3.80 9.97
O5' M2G A 26 0.27 -1.67 9.88
C5' M2G A 26 1.47 -1.16 9.21
C4' M2G A 26 1.03 0.02 8.38
O4' M2G A 26 0.67 -0.45 7.08
C3' M2G A 26 -0.21 0.72 8.91
O3' M2G A 26 0.09 1.65 9.93
C2' M2G A 26 -0.76 1.38 7.64
O2' M2G A 26 -0.04 2.60 7.45
C1' M2G A 26 -0.41 0.34 6.57
N9 M2G A 26 -1.61 -0.46 6.29
C8 M2G A 26 -1.92 -1.74 6.68
N7 M2G A 26 -3.08 -2.16 6.24
C5 M2G A 26 -3.56 -1.07 5.51
C6 M2G A 26 -4.78 -0.90 4.79
O6 M2G A 26 -5.70 -1.73 4.65
N1 M2G A 26 -4.91 0.32 4.18
C2 M2G A 26 -3.95 1.28 4.28
N2 M2G A 26 -4.14 2.44 3.66
N3 M2G A 26 -2.80 1.17 4.93
C4 M2G A 26 -2.68 -0.03 5.53
CM1 M2G A 26 -3.04 3.34 3.85
CM2 M2G A 26 -5.32 2.64 2.94
N1 OMC A 32 -10.53 -6.15 23.61
C2 OMC A 32 -9.31 -5.52 23.51
N3 OMC A 32 -9.31 -4.16 23.36
C4 OMC A 32 -10.47 -3.44 23.32
C5 OMC A 32 -11.72 -4.10 23.43
C6 OMC A 32 -11.70 -5.42 23.58
O2 OMC A 32 -8.26 -6.17 23.54
N4 OMC A 32 -10.40 -2.10 23.17
C1' OMC A 32 -10.54 -7.61 23.79
C2' OMC A 32 -10.25 -7.86 25.26
O2' OMC A 32 -9.52 -9.07 25.43
CM2 OMC A 32 -8.28 -9.41 25.57
C3' OMC A 32 -11.64 -8.07 25.82
C4' OMC A 32 -12.35 -8.79 24.67
O4' OMC A 32 -11.80 -8.19 23.50
O3' OMC A 32 -11.64 -8.79 27.06
C5' OMC A 32 -13.85 -8.69 24.65
O5' OMC A 32 -14.23 -7.35 25.05
P OMC A 32 -15.60 -6.68 24.59
OP1 OMC A 32 -16.79 -7.24 25.32
OP2 OMC A 32 -15.59 -5.18 24.67
P YYG A 37 -2.59 -1.66 22.09
OP1 YYG A 37 -2.36 -0.61 21.06
OP2 YYG A 37 -4.01 -2.03 22.27
O5' YYG A 37 -1.55 -2.87 21.88
C5' YYG A 37 -0.21 -2.58 22.37
C4' YYG A 37 0.58 -3.84 22.12
O4' YYG A 37 0.65 -4.60 23.32
C3' YYG A 37 0.00 -4.80 21.08
O3' YYG A 37 0.26 -4.47 19.72
C2' YYG A 37 0.63 -6.12 21.49
O2' YYG A 37 1.94 -6.14 20.96
C1' YYG A 37 0.67 -6.00 23.01
N9 YYG A 37 -0.46 -6.66 23.57
C8 YYG A 37 -1.64 -6.05 23.99
N7 YYG A 37 -2.53 -6.91 24.47
C5 YYG A 37 -1.90 -8.11 24.36
C6 YYG A 37 -2.32 -9.42 24.70
O6 YYG A 37 -3.45 -9.68 25.20
N1 YYG A 37 -1.46 -10.43 24.46
C2 YYG A 37 -0.26 -10.14 23.93
N2 YYG A 37 0.42 -11.45 23.82
N3 YYG A 37 0.25 -8.97 23.57
C3 YYG A 37 1.50 -8.85 23.03
C4 YYG A 37 -0.65 -7.99 23.82
C10 YYG A 37 -0.26 -13.79 24.40
C11 YYG A 37 -0.48 -12.30 24.30
C12 YYG A 37 -1.65 -11.69 24.70
C13 YYG A 37 -2.86 -12.35 25.31
C14 YYG A 37 -2.83 -12.07 26.79
C15 YYG A 37 -2.89 -13.33 27.59
C16 YYG A 37 -1.65 -13.50 28.42
O17 YYG A 37 -0.91 -12.55 28.66
O18 YYG A 37 -1.32 -14.81 28.95
C19 YYG A 37 -0.20 -15.31 28.22
N20 YYG A 37 -4.02 -13.24 28.53
C21 YYG A 37 -4.08 -12.20 29.35
O22 YYG A 37 -3.11 -11.46 29.53
O23 YYG A 37 -5.30 -11.93 30.05
C24 YYG A 37 -5.09 -12.09 31.45
P 5MC A 40 -5.39 -12.91 13.45
OP1 5MC A 40 -4.93 -14.10 12.64
OP2 5MC A 40 -4.77 -11.66 12.95
O5' 5MC A 40 -6.99 -12.85 13.57
C5' 5MC A 40 -7.74 -14.01 14.02
C4' 5MC A 40 -9.05 -13.49 14.59
O4' 5MC A 40 -8.80 -12.73 15.77
C3' 5MC A 40 -9.83 -12.56 13.69
O3' 5MC A 40 -10.61 -13.22 12.68
C2' 5MC A 40 -10.70 -11.78 14.70
O2' 5MC A 40 -11.84 -12.58 14.98
C1' 5MC A 40 -9.76 -11.68 15.89
N1 5MC A 40 -9.12 -10.35 15.84
C2 5MC A 40 -9.91 -9.25 16.10
O2 5MC A 40 -11.10 -9.39 16.37
N3 5MC A 40 -9.33 -8.02 16.07
C4 5MC A 40 -8.00 -7.85 15.79
N4 5MC A 40 -7.48 -6.62 15.76
C5 5MC A 40 -7.20 -8.99 15.51
C6 5MC A 40 -7.79 -10.20 15.55
CM5 5MC A 40 -5.74 -8.81 15.20
P 5MC A 48 7.96 5.64 -11.39
OP1 5MC A 48 7.65 6.65 -12.45
OP2 5MC A 48 8.34 4.33 -11.95
O5' 5MC A 48 8.95 6.25 -10.31
C5' 5MC A 48 8.40 7.16 -9.31
C4' 5MC A 48 9.45 8.23 -9.10
O4' 5MC A 48 10.75 7.70 -9.36
C3' 5MC A 48 9.33 9.43 -10.06
O3' 5MC A 48 8.35 10.37 -9.64
C2' 5MC A 48 10.74 9.98 -10.02
O2' 5MC A 48 10.84 10.77 -8.84
C1' 5MC A 48 11.57 8.71 -9.91
N1 5MC A 48 12.04 8.38 -11.26
C2 5MC A 48 12.92 9.26 -11.86
O2 5MC A 48 13.27 10.27 -11.26
N3 5MC A 48 13.36 8.97 -13.12
C4 5MC A 48 12.96 7.84 -13.78
N4 5MC A 48 13.40 7.60 -15.01
C5 5MC A 48 12.05 6.94 -13.14
C6 5MC A 48 11.62 7.26 -11.91
CM5 5MC A 48 11.60 5.71 -13.86
N1 5MU A 53 2.74 9.05 -27.80
C2 5MU A 53 2.65 7.88 -27.06
N3 5MU A 53 2.20 7.98 -25.79
C4 5MU A 53 1.83 9.15 -25.21
C5 5MU A 53 1.93 10.34 -25.99
C5M 5MU A 53 1.52 11.67 -25.39
C6 5MU A 53 2.37 10.24 -27.25
O2 5MU A 53 2.98 6.80 -27.55
O4 5MU A 53 1.42 9.13 -24.02
C1' 5MU A 53 3.24 8.94 -29.20
C2' 5MU A 53 2.05 8.68 -30.09
O2' 5MU A 53 2.41 7.91 -31.23
C3' 5MU A 53 1.76 10.09 -30.61
C4' 5MU A 53 3.16 10.68 -30.73
O3' 5MU A 53 1.01 10.07 -31.84
O4' 5MU A 53 3.86 10.13 -29.62
C5' 5MU A 53 3.23 12.18 -30.70
O5' 5MU A 53 2.13 12.61 -29.83
P 5MU A 53 2.33 14.04 -29.16
OP1 5MU A 53 1.91 15.16 -30.06
OP2 5MU A 53 1.80 14.16 -27.77
N1 PSU A 54 -1.33 10.09 -26.81
C2 PSU A 54 -1.59 9.89 -25.48
N3 PSU A 54 -1.96 8.62 -25.17
C4 PSU A 54 -2.09 7.55 -26.04
C5 PSU A 54 -1.78 7.84 -27.43
C6 PSU A 54 -1.42 9.10 -27.74
O2 PSU A 54 -1.51 10.80 -24.65
O4 PSU A 54 -2.41 6.44 -25.67
C1' PSU A 54 -1.87 6.76 -28.45
C2' PSU A 54 -3.24 6.79 -29.12
O2' PSU A 54 -3.66 5.48 -29.49
C3' PSU A 54 -2.91 7.55 -30.41
C4' PSU A 54 -1.51 7.05 -30.73
O3' PSU A 54 -3.89 7.31 -31.44
O4' PSU A 54 -0.88 6.91 -29.46
C5' PSU A 54 -0.68 7.97 -31.61
O5' PSU A 54 -1.39 9.24 -31.65
P PSU A 54 -0.53 10.59 -31.73
OP1 PSU A 54 -0.90 11.43 -32.88
OP2 PSU A 54 -0.52 11.35 -30.43
P 2MG C 10 18.44 26.78 15.68
OP1 2MG C 10 18.26 27.74 16.78
OP2 2MG C 10 19.13 27.22 14.45
O5' 2MG C 10 19.13 25.53 16.36
C5' 2MG C 10 20.43 25.69 16.86
C4' 2MG C 10 20.67 24.58 17.85
O4' 2MG C 10 19.71 24.65 18.88
C3' 2MG C 10 20.48 23.24 17.18
O3' 2MG C 10 21.74 22.94 16.59
C2' 2MG C 10 20.22 22.38 18.40
O2' 2MG C 10 21.46 22.21 19.05
C1' 2MG C 10 19.37 23.33 19.27
N9 2MG C 10 17.94 23.22 18.96
C8 2MG C 10 17.14 24.26 18.62
N7 2MG C 10 15.87 23.79 18.42
C5 2MG C 10 15.90 22.44 18.73
C6 2MG C 10 14.91 21.45 18.75
O6 2MG C 10 13.73 21.78 18.63
N1 2MG C 10 15.21 20.23 19.15
C2 2MG C 10 16.43 19.91 19.58
N2 2MG C 10 16.73 18.63 19.76
CM2 2MG C 10 18.06 18.26 20.25
N3 2MG C 10 17.41 20.82 19.56
C4 2MG C 10 17.16 22.10 19.13
P H2U C 16 7.74 19.32 -2.32
OP1 H2U C 16 8.77 18.40 -2.79
OP2 H2U C 16 8.05 20.69 -2.09
O5' H2U C 16 6.56 19.28 -3.29
C5' H2U C 16 5.39 19.96 -2.94
C4' H2U C 16 4.78 20.59 -4.18
O4' H2U C 16 5.57 21.67 -4.63
C3' H2U C 16 4.73 19.58 -5.32
O3' H2U C 16 3.70 20.04 -6.18
C1' H2U C 16 6.34 21.27 -5.77
C2' H2U C 16 6.09 19.78 -6.00
O2' H2U C 16 6.06 19.50 -7.39
N1 H2U C 16 7.76 21.48 -5.49
C2 H2U C 16 8.26 22.66 -5.73
O2 H2U C 16 7.73 23.36 -6.59
N3 H2U C 16 9.53 22.92 -5.40
C4 H2U C 16 10.32 22.00 -4.86
O4 H2U C 16 11.41 22.34 -4.39
C5 H2U C 16 9.82 20.63 -4.61
C6 H2U C 16 8.66 20.33 -5.54
P H2U C 17 2.18 19.88 -5.82
OP1 H2U C 17 1.88 20.12 -4.40
OP2 H2U C 17 1.75 18.67 -6.49
O5' H2U C 17 1.67 21.15 -6.60
C5' H2U C 17 2.23 21.40 -7.87
C4' H2U C 17 2.04 22.86 -8.27
O4' H2U C 17 0.66 23.17 -8.41
C3' H2U C 17 2.58 23.75 -7.17
O3' H2U C 17 3.21 24.84 -7.82
C1' H2U C 17 0.27 24.19 -7.50
C2' H2U C 17 1.32 24.13 -6.41
O2' H2U C 17 1.49 25.40 -5.83
N1 H2U C 17 -1.11 23.93 -7.02
C2 H2U C 17 -2.15 24.48 -7.64
O2 H2U C 17 -1.98 25.41 -8.42
N3 H2U C 17 -3.39 24.18 -7.26
C4 H2U C 17 -3.64 23.28 -6.33
O4 H2U C 17 -4.80 22.95 -6.09
C5 H2U C 17 -2.50 22.54 -5.70
C6 H2U C 17 -1.30 23.46 -5.67
P M2G C 26 11.80 14.09 24.75
OP1 M2G C 26 12.34 13.17 25.78
OP2 M2G C 26 10.40 14.56 24.85
O5' M2G C 26 12.74 15.37 24.67
C5' M2G C 26 14.15 15.21 24.83
C4' M2G C 26 14.80 16.53 24.40
O4' M2G C 26 14.08 17.03 23.29
C3' M2G C 26 14.52 17.61 25.44
O3' M2G C 26 15.42 17.53 26.53
C2' M2G C 26 14.76 18.87 24.62
O2' M2G C 26 16.13 19.24 24.60
C1' M2G C 26 14.36 18.42 23.23
N9 M2G C 26 13.16 19.13 22.84
C8 M2G C 26 11.93 18.62 22.83
N7 M2G C 26 11.07 19.56 22.32
C5 M2G C 26 11.84 20.70 22.05
C6 M2G C 26 11.53 21.94 21.46
O6 M2G C 26 10.44 22.12 20.89
N1 M2G C 26 12.49 22.87 21.36
C2 M2G C 26 13.74 22.63 21.78
N2 M2G C 26 14.61 23.62 21.80
N3 M2G C 26 14.09 21.44 22.32
C4 M2G C 26 13.13 20.45 22.45
CM1 M2G C 26 14.14 25.00 21.58
CM2 M2G C 26 15.98 23.37 22.28
N1 PSU C 32 -1.27 18.03 37.03
C2 PSU C 32 0.08 17.83 36.89
N3 PSU C 32 0.42 16.59 36.45
C4 PSU C 32 -0.44 15.54 36.14
C5 PSU C 32 -1.84 15.86 36.28
C6 PSU C 32 -2.19 17.07 36.73
O2 PSU C 32 0.91 18.70 37.17
O4 PSU C 32 -0.06 14.47 35.75
C1' PSU C 32 -2.88 14.81 35.97
C2' PSU C 32 -3.27 14.10 37.24
O2' PSU C 32 -3.74 12.78 36.92
C3' PSU C 32 -4.48 14.89 37.70
C4' PSU C 32 -5.15 15.24 36.38
O3' PSU C 32 -5.30 14.20 38.65
O4' PSU C 32 -4.02 15.48 35.46
C5' PSU C 32 -6.01 16.47 36.45
O5' PSU C 32 -5.41 17.24 37.56
P PSU C 32 -5.74 18.81 37.56
OP1 PSU C 32 -7.00 19.05 38.32
OP2 PSU C 32 -4.67 19.76 37.88
P 1MG C 37 7.75 15.57 36.85
OP1 1MG C 37 8.06 16.53 35.74
OP2 1MG C 37 6.41 15.82 37.45
O5' 1MG C 37 8.01 14.05 36.47
C5' 1MG C 37 9.33 13.59 36.09
C4' 1MG C 37 9.25 12.10 35.79
O4' 1MG C 37 8.79 11.43 36.99
C3' 1MG C 37 8.29 11.66 34.72
O3' 1MG C 37 8.88 11.83 33.40
C2' 1MG C 37 8.00 10.23 35.12
O2' 1MG C 37 9.07 9.43 34.64
C1' 1MG C 37 8.01 10.29 36.63
N9 1MG C 37 6.64 10.44 37.16
C8 1MG C 37 6.12 11.54 37.80
N7 1MG C 37 4.88 11.39 38.17
C5 1MG C 37 4.57 10.09 37.74
C6 1MG C 37 3.37 9.32 37.86
O6 1MG C 37 2.31 9.71 38.37
N1 1MG C 37 3.45 8.07 37.31
CM1 1MG C 37 2.29 7.21 37.37
C2 1MG C 37 4.59 7.59 36.74
N2 1MG C 37 4.50 6.35 36.26
N3 1MG C 37 5.74 8.27 36.60
C4 1MG C 37 5.64 9.50 37.12
P 7MG C 46 14.13 32.23 16.40
OP1 7MG C 46 14.66 33.43 17.09
OP2 7MG C 46 12.82 32.38 15.74
O5' 7MG C 46 15.18 31.72 15.30
C5' 7MG C 46 14.87 30.48 14.69
C4' 7MG C 46 15.68 30.30 13.42
O4' 7MG C 46 14.85 29.43 12.63
C3' 7MG C 46 15.66 31.67 12.72
O3' 7MG C 46 16.63 31.78 11.68
C2' 7MG C 46 14.29 31.71 12.08
O2' 7MG C 46 14.33 32.41 10.85
C1' 7MG C 46 14.10 30.24 11.75
N9 7MG C 46 12.70 29.86 11.66
C8 7MG C 46 11.65 30.70 11.79
N7 7MG C 46 10.52 29.98 11.61
C5 7MG C 46 10.90 28.68 11.30
C6 7MG C 46 10.22 27.48 11.10
O6 7MG C 46 9.02 27.51 10.81
N1 7MG C 46 10.91 26.38 10.83
C2 7MG C 46 12.23 26.37 10.78
N2 7MG C 46 12.85 25.30 10.30
N3 7MG C 46 12.92 27.46 10.99
C4 7MG C 46 12.26 28.63 11.29
CM7 7MG C 46 9.27 30.60 11.17
P 5MC C 49 18.56 26.79 2.45
OP1 5MC C 49 18.47 27.79 1.38
OP2 5MC C 49 18.32 25.39 2.05
O5' 5MC C 49 20.00 26.81 3.14
C5' 5MC C 49 20.25 27.68 4.24
C4' 5MC C 49 21.71 28.15 4.22
O4' 5MC C 49 22.62 27.17 3.71
C3' 5MC C 49 21.81 29.32 3.29
O3' 5MC C 49 21.35 30.46 4.01
C2' 5MC C 49 23.31 29.33 3.13
O2' 5MC C 49 23.92 29.77 4.30
C1' 5MC C 49 23.65 27.85 2.99
N1 5MC C 49 23.52 27.49 1.57
C2 5MC C 49 24.51 27.80 0.72
O2 5MC C 49 25.42 28.55 1.10
N3 5MC C 49 24.45 27.45 -0.58
C4 5MC C 49 23.40 26.83 -1.07
N4 5MC C 49 23.28 26.67 -2.36
C5 5MC C 49 22.34 26.52 -0.23
C6 5MC C 49 22.43 26.87 1.12
CM5 5MC C 49 21.02 26.08 -0.82
N1 5MU C 54 12.74 36.11 -11.67
C2 5MU C 54 12.23 35.17 -10.84
N3 5MU C 54 12.26 35.36 -9.51
C4 5MU C 54 12.81 36.44 -8.98
C5 5MU C 54 13.38 37.40 -9.81
C5M 5MU C 54 14.23 38.50 -9.24
C6 5MU C 54 13.34 37.20 -11.18
O2 5MU C 54 11.88 34.06 -11.30
O4 5MU C 54 12.79 36.62 -7.74
C1' 5MU C 54 12.72 35.89 -13.15
C2' 5MU C 54 11.52 36.57 -13.78
O2' 5MU C 54 11.18 35.92 -14.98
C3' 5MU C 54 12.05 37.94 -14.16
C4' 5MU C 54 13.46 37.55 -14.62
O3' 5MU C 54 11.28 38.39 -15.24
O4' 5MU C 54 13.88 36.52 -13.73
C5' 5MU C 54 14.43 38.74 -14.59
O5' 5MU C 54 14.42 39.35 -13.32
P 5MU C 54 15.04 40.79 -13.05
OP1 5MU C 54 14.83 41.66 -14.22
OP2 5MU C 54 14.58 41.25 -11.73
N1 PSU C 55 10.59 39.46 -9.85
C2 PSU C 55 10.67 39.18 -8.55
N3 PSU C 55 9.99 38.16 -8.03
C4 PSU C 55 9.19 37.41 -8.79
C5 PSU C 55 9.06 37.68 -10.14
C6 PSU C 55 9.81 38.74 -10.66
O2 PSU C 55 11.12 40.05 -7.77
O4 PSU C 55 8.48 36.55 -8.29
C1' PSU C 55 8.12 36.87 -10.99
C2' PSU C 55 6.79 37.65 -11.17
O2' PSU C 55 5.76 36.72 -11.42
C3' PSU C 55 7.01 38.33 -12.48
C4' PSU C 55 7.70 37.20 -13.20
O3' PSU C 55 5.77 38.60 -13.11
O4' PSU C 55 8.67 36.72 -12.29
C5' PSU C 55 8.38 37.73 -14.45
O5' PSU C 55 9.16 38.82 -14.02
P PSU C 55 10.20 39.54 -15.00
OP1 PSU C 55 9.54 39.87 -16.30
OP2 PSU C 55 10.83 40.65 -14.24
P 1MA C 58 9.00 37.50 -3.63
OP1 1MA C 58 9.53 38.45 -2.62
OP2 1MA C 58 9.51 37.50 -4.99
O5' 1MA C 58 9.26 36.08 -3.01
C5' 1MA C 58 8.68 34.95 -3.62
C4' 1MA C 58 9.20 33.71 -2.92
O4' 1MA C 58 9.27 32.83 -4.02
C3' 1MA C 58 10.66 33.94 -2.50
O3' 1MA C 58 11.17 32.88 -1.72
C2' 1MA C 58 11.37 33.83 -3.81
O2' 1MA C 58 12.67 33.38 -3.56
C1' 1MA C 58 10.62 32.68 -4.42
N9 1MA C 58 10.71 32.67 -5.85
C8 1MA C 58 11.22 33.67 -6.61
N7 1MA C 58 11.13 33.31 -7.94
C5 1MA C 58 10.55 32.03 -7.96
C6 1MA C 58 10.22 31.17 -9.00
N6 1MA C 58 10.48 31.50 -10.25
N1 1MA C 58 9.66 29.99 -8.72
CM1 1MA C 58 9.33 29.10 -9.82
C2 1MA C 58 9.42 29.62 -7.47
N3 1MA C 58 9.71 30.40 -6.43
C4 1MA C 58 10.29 31.64 -6.66
N1 PSU E 13 -5.13 -30.33 -12.88
C2 PSU E 13 -6.42 -30.69 -12.78
N3 PSU E 13 -6.63 -31.81 -12.01
C4 PSU E 13 -5.66 -32.58 -11.39
C5 PSU E 13 -4.30 -32.11 -11.56
C6 PSU E 13 -4.09 -31.01 -12.28
O2 PSU E 13 -7.34 -30.06 -13.31
O4 PSU E 13 -5.93 -33.57 -10.74
C1' PSU E 13 -3.22 -32.90 -10.90
C2' PSU E 13 -3.36 -34.41 -11.17
O2' PSU E 13 -2.97 -35.17 -10.04
C3' PSU E 13 -2.34 -34.61 -12.27
C4' PSU E 13 -1.23 -33.63 -11.87
O3' PSU E 13 -1.86 -35.95 -12.38
O4' PSU E 13 -1.92 -32.51 -11.33
C5' PSU E 13 -0.31 -33.22 -12.99
O5' PSU E 13 0.78 -32.45 -12.39
P PSU E 13 1.11 -31.13 -13.22
OP1 PSU E 13 2.11 -31.33 -14.30
OP2 PSU E 13 -0.14 -30.46 -13.72
P H2U E 16 -9.51 -44.12 -18.82
OP1 H2U E 16 -8.70 -45.28 -18.33
OP2 H2U E 16 -8.68 -42.93 -19.12
O5' H2U E 16 -10.54 -44.51 -19.98
C5' H2U E 16 -10.14 -44.39 -21.35
C4' H2U E 16 -10.98 -45.39 -22.15
O4' H2U E 16 -11.12 -46.60 -21.39
C3' H2U E 16 -12.39 -44.92 -22.47
O3' H2U E 16 -12.81 -45.38 -23.78
C1' H2U E 16 -12.53 -46.88 -21.21
C2' H2U E 16 -13.23 -45.58 -21.37
O2' H2U E 16 -14.56 -45.65 -21.79
N1 H2U E 16 -12.69 -47.50 -19.90
C2 H2U E 16 -13.92 -47.69 -19.37
O2 H2U E 16 -14.96 -47.28 -19.86
N3 H2U E 16 -13.98 -48.35 -18.16
C4 H2U E 16 -12.91 -48.87 -17.47
O4 H2U E 16 -13.08 -49.43 -16.40
C5 H2U E 16 -11.59 -48.71 -18.11
C6 H2U E 16 -11.55 -47.44 -18.96
P H2U E 19 -22.72 -43.58 -14.45
OP1 H2U E 19 -21.71 -43.44 -13.36
OP2 H2U E 19 -22.65 -44.93 -15.11
O5' H2U E 19 -24.16 -43.15 -13.93
C5' H2U E 19 -24.22 -42.20 -12.83
C4' H2U E 19 -25.50 -41.41 -12.97
O4' H2U E 19 -26.27 -41.57 -11.78
C3' H2U E 19 -25.30 -39.90 -13.17
O3' H2U E 19 -26.29 -39.34 -14.06
C1' H2U E 19 -26.54 -40.28 -11.20
C2' H2U E 19 -25.48 -39.37 -11.74
O2' H2U E 19 -25.82 -38.01 -11.76
N1 H2U E 19 -26.55 -40.48 -9.74
C2 H2U E 19 -25.65 -39.84 -8.98
O2 H2U E 19 -24.91 -38.93 -9.33
N3 H2U E 19 -25.62 -40.17 -7.63
C4 H2U E 19 -26.37 -41.15 -7.03
O4 H2U E 19 -26.26 -41.35 -5.82
C5 H2U E 19 -27.27 -41.92 -7.91
C6 H2U E 19 -26.85 -41.89 -9.35
N1 PSU E 32 -16.01 -24.41 16.44
C2 PSU E 32 -14.82 -23.88 16.08
N3 PSU E 32 -13.77 -24.74 16.23
C4 PSU E 32 -13.81 -26.03 16.71
C5 PSU E 32 -15.12 -26.51 17.06
C6 PSU E 32 -16.17 -25.68 16.91
O2 PSU E 32 -14.68 -22.74 15.64
O4 PSU E 32 -12.80 -26.72 16.82
C1' PSU E 32 -15.28 -27.91 17.58
C2' PSU E 32 -15.16 -28.00 19.10
O2' PSU E 32 -14.59 -29.23 19.51
C3' PSU E 32 -16.63 -28.04 19.53
C4' PSU E 32 -17.25 -28.84 18.39
O3' PSU E 32 -16.83 -28.63 20.80
O4' PSU E 32 -16.54 -28.43 17.23
C5' PSU E 32 -18.74 -28.61 18.18
O5' PSU E 32 -18.99 -27.21 18.52
P PSU E 32 -20.27 -26.55 17.86
OP1 PSU E 32 -21.49 -26.74 18.73
OP2 PSU E 32 -20.12 -25.15 17.40
P 1MG E 37 -8.57 -19.83 15.07
OP1 1MG E 37 -8.55 -19.35 13.66
OP2 1MG E 37 -9.93 -20.26 15.52
O5' 1MG E 37 -7.41 -20.88 15.36
C5' 1MG E 37 -6.25 -20.85 14.48
C4' 1MG E 37 -5.12 -21.55 15.22
O4' 1MG E 37 -5.32 -21.44 16.64
C3' 1MG E 37 -5.02 -23.05 14.98
O3' 1MG E 37 -4.35 -23.41 13.75
C2' 1MG E 37 -4.26 -23.53 16.21
O2' 1MG E 37 -2.88 -23.29 15.98
C1' 1MG E 37 -4.82 -22.60 17.28
N9 1MG E 37 -5.87 -23.38 17.96
C8 1MG E 37 -7.17 -23.04 18.23
N7 1MG E 37 -7.83 -23.96 18.87
C5 1MG E 37 -6.91 -24.99 19.02
C6 1MG E 37 -7.02 -26.28 19.63
O6 1MG E 37 -8.02 -26.76 20.16
N1 1MG E 37 -5.87 -27.03 19.56
CM1 1MG E 37 -5.88 -28.35 20.15
C2 1MG E 37 -4.72 -26.57 18.99
N2 1MG E 37 -3.69 -27.42 19.02
N3 1MG E 37 -4.57 -25.38 18.42
C4 1MG E 37 -5.70 -24.65 18.46
P 5MC E 48 -9.35 -28.73 -22.89
OP1 5MC E 48 -10.29 -28.67 -24.05
OP2 5MC E 48 -8.62 -30.01 -22.84
O5' 5MC E 48 -8.48 -27.42 -22.79
C5' 5MC E 48 -9.10 -26.22 -22.25
C4' 5MC E 48 -8.56 -25.06 -23.07
O4' 5MC E 48 -7.27 -25.36 -23.55
C3' 5MC E 48 -9.39 -24.74 -24.32
O3' 5MC E 48 -10.55 -23.95 -24.04
C2' 5MC E 48 -8.36 -24.01 -25.16
O2' 5MC E 48 -8.32 -22.67 -24.69
C1' 5MC E 48 -7.09 -24.76 -24.82
N1 5MC E 48 -6.86 -25.75 -25.88
C2 5MC E 48 -6.58 -25.26 -27.14
O2 5MC E 48 -6.54 -24.05 -27.34
N3 5MC E 48 -6.37 -26.16 -28.14
C4 5MC E 48 -6.41 -27.51 -27.91
N4 5MC E 48 -6.20 -28.36 -28.93
C5 5MC E 48 -6.70 -27.99 -26.61
C6 5MC E 48 -6.91 -27.09 -25.64
CM5 5MC E 48 -6.75 -29.48 -26.36
N1 5MU E 53 -19.19 -37.12 -34.78
C2 5MU E 53 -18.60 -37.59 -33.61
N3 5MU E 53 -18.75 -36.82 -32.50
C4 5MU E 53 -19.43 -35.65 -32.47
C5 5MU E 53 -20.01 -35.18 -33.69
C5M 5MU E 53 -20.76 -33.88 -33.71
C6 5MU E 53 -19.86 -35.93 -34.79
O2 5MU E 53 -17.99 -38.65 -33.58
O4 5MU E 53 -19.49 -35.02 -31.38
C1' 5MU E 53 -19.03 -37.95 -36.00
C2' 5MU E 53 -20.18 -38.92 -36.04
O2' 5MU E 53 -19.81 -40.13 -36.69
C3' 5MU E 53 -21.14 -38.22 -37.01
C4' 5MU E 53 -20.17 -37.56 -37.97
O3' 5MU E 53 -22.07 -39.12 -37.60
O4' 5MU E 53 -19.06 -37.16 -37.17
C5' 5MU E 53 -20.72 -36.37 -38.72
O5' 5MU E 53 -21.66 -35.73 -37.80
P 5MU E 53 -21.91 -34.18 -38.06
OP1 5MU E 53 -22.96 -33.95 -39.13
OP2 5MU E 53 -22.10 -33.35 -36.85
N1 PSU E 54 -22.97 -36.52 -32.79
C2 PSU E 54 -22.81 -35.91 -31.58
N3 PSU E 54 -22.54 -36.77 -30.56
C4 PSU E 54 -22.40 -38.16 -30.64
C5 PSU E 54 -22.58 -38.71 -31.98
C6 PSU E 54 -22.86 -37.86 -32.97
O2 PSU E 54 -22.91 -34.70 -31.43
O4 PSU E 54 -22.15 -38.85 -29.67
C1' PSU E 54 -22.46 -40.19 -32.18
C2' PSU E 54 -23.83 -40.84 -32.11
O2' PSU E 54 -23.75 -42.15 -31.57
C3' PSU E 54 -24.16 -40.98 -33.60
C4' PSU E 54 -22.79 -41.28 -34.20
O3' PSU E 54 -25.15 -41.98 -33.85
O4' PSU E 54 -21.89 -40.48 -33.44
C5' PSU E 54 -22.64 -40.94 -35.68
O5' PSU E 54 -23.80 -40.12 -36.03
P PSU E 54 -23.61 -38.96 -37.12
OP1 PSU E 54 -24.56 -39.09 -38.25
OP2 PSU E 54 -23.61 -37.59 -36.51
IR IR H . 69.48 -0.10 31.35
IR IR I . 17.36 -2.76 32.19
IR IR J . 51.85 -3.57 30.81
IR IR K . 93.59 -2.04 36.89
#